data_1V0H
#
_entry.id   1V0H
#
_cell.length_a   82.770
_cell.length_b   82.770
_cell.length_c   74.991
_cell.angle_alpha   90.00
_cell.angle_beta   90.00
_cell.angle_gamma   90.00
#
_symmetry.space_group_name_H-M   'P 42 21 2'
#
loop_
_entity.id
_entity.type
_entity.pdbx_description
1 polymer 'ASCORBATE PEROXIDASE'
2 non-polymer 'PROTOPORPHYRIN IX CONTAINING FE'
3 non-polymer 'SODIUM ION'
4 non-polymer 'SALICYLHYDROXAMIC ACID'
5 water water
#
_entity_poly.entity_id   1
_entity_poly.type   'polypeptide(L)'
_entity_poly.pdbx_seq_one_letter_code
;MRGSHHHHHHGSGKSYPTVSADYQKAVEKAKKKLRGFIAEKRCAPLMLRLAWHSAGTFDKGTKTGGPFGTIKHPAELAHS
ANNGLDIAVRLLEPLKAEFPILSYADFYQLAGVVAVEVTGGPEVPFHPGREDKPEPPPEGRLPDATKGSDHLRDVFGKAM
GLTDQDIVALSGGHTIGAAHKERSGFEGPWTSNPLIFDNSYFTELLSGEKEGLLQLPSDKALLSDPVFRPLVDKYAADED
AFFADYAEAHQKLSELGFADA
;
_entity_poly.pdbx_strand_id   X
#
# COMPACT_ATOMS: atom_id res chain seq x y z
N SER A 12 -3.83 8.70 -15.97
CA SER A 12 -5.22 9.00 -16.41
C SER A 12 -5.79 10.19 -15.63
N GLY A 13 -6.03 11.30 -16.33
CA GLY A 13 -6.49 12.53 -15.74
C GLY A 13 -5.40 13.29 -14.98
N LYS A 14 -4.16 12.80 -15.05
CA LYS A 14 -3.07 13.38 -14.29
C LYS A 14 -2.21 14.35 -15.12
N SER A 15 -1.80 15.43 -14.47
CA SER A 15 -0.84 16.38 -15.00
C SER A 15 0.25 16.54 -13.94
N TYR A 16 1.36 15.85 -14.14
CA TYR A 16 2.38 15.77 -13.11
C TYR A 16 3.20 17.07 -13.06
N PRO A 17 3.57 17.49 -11.86
CA PRO A 17 4.33 18.74 -11.73
C PRO A 17 5.76 18.59 -12.20
N THR A 18 6.34 19.73 -12.53
CA THR A 18 7.75 19.86 -12.77
C THR A 18 8.50 19.91 -11.46
N VAL A 19 9.57 19.13 -11.37
CA VAL A 19 10.52 19.24 -10.28
C VAL A 19 11.90 19.47 -10.88
N SER A 20 12.79 20.06 -10.08
CA SER A 20 14.09 20.44 -10.57
C SER A 20 14.93 19.21 -10.90
N ALA A 21 16.02 19.42 -11.63
CA ALA A 21 16.96 18.35 -11.94
C ALA A 21 17.55 17.76 -10.67
N ASP A 22 17.89 18.60 -9.70
CA ASP A 22 18.43 18.11 -8.43
C ASP A 22 17.39 17.27 -7.69
N TYR A 23 16.13 17.63 -7.80
CA TYR A 23 15.07 16.82 -7.16
C TYR A 23 15.01 15.43 -7.82
N GLN A 24 15.01 15.41 -9.15
CA GLN A 24 14.98 14.15 -9.88
C GLN A 24 16.18 13.28 -9.56
N LYS A 25 17.35 13.89 -9.44
CA LYS A 25 18.58 13.17 -9.06
C LYS A 25 18.42 12.51 -7.69
N ALA A 26 17.84 13.24 -6.75
CA ALA A 26 17.59 12.72 -5.41
C ALA A 26 16.59 11.55 -5.41
N VAL A 27 15.55 11.63 -6.23
CA VAL A 27 14.62 10.53 -6.36
C VAL A 27 15.34 9.25 -6.82
N GLU A 28 16.17 9.38 -7.85
CA GLU A 28 16.87 8.23 -8.39
C GLU A 28 17.82 7.64 -7.36
N LYS A 29 18.55 8.49 -6.64
CA LYS A 29 19.49 8.00 -5.63
C LYS A 29 18.77 7.38 -4.44
N ALA A 30 17.66 8.00 -4.02
CA ALA A 30 16.88 7.47 -2.92
C ALA A 30 16.27 6.10 -3.27
N LYS A 31 15.86 5.93 -4.52
CA LYS A 31 15.32 4.64 -4.95
C LYS A 31 16.35 3.52 -4.71
N LYS A 32 17.58 3.77 -5.11
CA LYS A 32 18.65 2.79 -4.94
C LYS A 32 18.90 2.55 -3.46
N LYS A 33 19.01 3.61 -2.67
CA LYS A 33 19.27 3.47 -1.26
C LYS A 33 18.18 2.70 -0.55
N LEU A 34 16.94 2.96 -0.94
CA LEU A 34 15.79 2.27 -0.38
C LEU A 34 15.79 0.78 -0.73
N ARG A 35 16.18 0.44 -1.95
CA ARG A 35 16.28 -0.98 -2.33
C ARG A 35 17.18 -1.71 -1.35
N GLY A 36 18.42 -1.22 -1.19
CA GLY A 36 19.38 -1.94 -0.38
C GLY A 36 18.92 -2.01 1.06
N PHE A 37 18.40 -0.89 1.57
CA PHE A 37 17.99 -0.81 2.95
C PHE A 37 16.82 -1.76 3.24
N ILE A 38 15.79 -1.71 2.40
CA ILE A 38 14.59 -2.51 2.61
C ILE A 38 14.90 -4.01 2.46
N ALA A 39 15.72 -4.36 1.46
CA ALA A 39 16.12 -5.76 1.27
C ALA A 39 16.88 -6.27 2.51
N GLU A 40 17.83 -5.50 2.98
CA GLU A 40 18.64 -5.94 4.11
C GLU A 40 17.85 -6.06 5.38
N LYS A 41 16.95 -5.11 5.61
CA LYS A 41 16.20 -5.05 6.87
C LYS A 41 14.99 -6.00 6.87
N ARG A 42 14.64 -6.55 5.72
CA ARG A 42 13.53 -7.51 5.59
C ARG A 42 12.19 -6.87 5.93
N CYS A 43 12.08 -5.57 5.68
CA CYS A 43 10.92 -4.81 6.08
C CYS A 43 10.04 -4.39 4.91
N ALA A 44 10.18 -5.01 3.74
CA ALA A 44 9.31 -4.64 2.62
C ALA A 44 7.82 -4.61 3.00
N PRO A 45 7.27 -5.66 3.60
CA PRO A 45 5.83 -5.63 3.88
C PRO A 45 5.42 -4.46 4.76
N LEU A 46 6.21 -4.17 5.79
CA LEU A 46 5.93 -3.04 6.67
C LEU A 46 5.96 -1.72 5.91
N MET A 47 6.87 -1.58 4.95
CA MET A 47 6.96 -0.34 4.16
C MET A 47 5.82 -0.21 3.16
N LEU A 48 5.39 -1.32 2.58
CA LEU A 48 4.20 -1.30 1.73
C LEU A 48 3.01 -0.87 2.57
N ARG A 49 2.88 -1.45 3.76
CA ARG A 49 1.79 -1.04 4.67
C ARG A 49 1.86 0.43 5.04
N LEU A 50 3.06 0.95 5.29
CA LEU A 50 3.23 2.37 5.57
C LEU A 50 2.72 3.24 4.43
N ALA A 51 3.17 2.96 3.20
CA ALA A 51 2.80 3.77 2.06
C ALA A 51 1.30 3.71 1.81
N TRP A 52 0.72 2.52 1.92
CA TRP A 52 -0.70 2.32 1.64
C TRP A 52 -1.53 3.00 2.72
N HIS A 53 -1.12 2.91 3.98
CA HIS A 53 -1.88 3.58 5.06
C HIS A 53 -1.81 5.10 4.96
N SER A 54 -0.71 5.63 4.44
CA SER A 54 -0.61 7.05 4.20
C SER A 54 -1.54 7.48 3.06
N ALA A 55 -1.56 6.71 1.96
CA ALA A 55 -2.34 7.07 0.79
C ALA A 55 -3.84 6.81 0.96
N GLY A 56 -4.19 5.77 1.70
CA GLY A 56 -5.54 5.22 1.72
C GLY A 56 -6.56 6.02 2.51
N THR A 57 -6.13 7.13 3.08
CA THR A 57 -7.03 8.03 3.80
C THR A 57 -7.67 9.08 2.89
N PHE A 58 -7.41 9.02 1.59
CA PHE A 58 -7.97 10.03 0.69
C PHE A 58 -9.49 9.92 0.65
N ASP A 59 -10.16 11.08 0.73
CA ASP A 59 -11.61 11.16 0.54
C ASP A 59 -11.86 12.11 -0.62
N LYS A 60 -12.38 11.58 -1.72
CA LYS A 60 -12.51 12.34 -2.97
C LYS A 60 -13.48 13.52 -2.84
N GLY A 61 -14.54 13.35 -2.05
CA GLY A 61 -15.56 14.39 -1.90
C GLY A 61 -15.03 15.67 -1.28
N THR A 62 -14.17 15.53 -0.27
CA THR A 62 -13.55 16.67 0.43
C THR A 62 -12.12 16.97 0.00
N LYS A 63 -11.52 16.07 -0.77
CA LYS A 63 -10.09 16.15 -1.16
C LYS A 63 -9.14 16.25 0.04
N THR A 64 -9.49 15.57 1.13
CA THR A 64 -8.65 15.53 2.33
C THR A 64 -7.95 14.18 2.41
N GLY A 65 -6.90 14.11 3.20
CA GLY A 65 -6.09 12.91 3.32
C GLY A 65 -5.33 12.63 2.04
N GLY A 66 -4.90 11.38 1.93
CA GLY A 66 -4.09 10.95 0.80
C GLY A 66 -2.59 11.02 1.07
N PRO A 67 -1.81 10.67 0.05
CA PRO A 67 -0.36 10.49 0.17
C PRO A 67 0.43 11.79 0.20
N PHE A 68 0.34 12.48 1.33
CA PHE A 68 0.96 13.78 1.54
C PHE A 68 1.78 13.84 2.81
N GLY A 69 2.35 12.70 3.17
CA GLY A 69 3.38 12.63 4.18
C GLY A 69 2.94 12.70 5.63
N THR A 70 1.63 12.72 5.89
CA THR A 70 1.14 12.97 7.25
C THR A 70 1.24 11.77 8.17
N ILE A 71 1.53 10.59 7.64
CA ILE A 71 1.60 9.39 8.44
C ILE A 71 2.71 9.43 9.47
N LYS A 72 3.69 10.32 9.28
CA LYS A 72 4.79 10.47 10.24
C LYS A 72 4.35 11.21 11.51
N HIS A 73 3.22 11.90 11.45
CA HIS A 73 2.74 12.66 12.60
C HIS A 73 2.29 11.70 13.68
N PRO A 74 2.77 11.89 14.93
CA PRO A 74 2.32 11.09 16.08
C PRO A 74 0.81 10.87 16.17
N ALA A 75 0.03 11.89 15.82
CA ALA A 75 -1.44 11.80 15.88
C ALA A 75 -2.01 10.75 14.92
N GLU A 76 -1.45 10.69 13.70
CA GLU A 76 -1.87 9.67 12.73
C GLU A 76 -1.31 8.27 13.04
N LEU A 77 -0.08 8.19 13.55
CA LEU A 77 0.49 6.92 13.98
C LEU A 77 -0.30 6.27 15.12
N ALA A 78 -1.02 7.10 15.87
CA ALA A 78 -1.83 6.66 17.01
C ALA A 78 -3.18 6.04 16.58
N HIS A 79 -3.62 6.27 15.35
CA HIS A 79 -4.79 5.54 14.85
C HIS A 79 -4.55 4.05 15.01
N SER A 80 -5.57 3.34 15.48
CA SER A 80 -5.43 1.93 15.75
C SER A 80 -5.04 1.11 14.51
N ALA A 81 -5.52 1.50 13.33
CA ALA A 81 -5.18 0.79 12.11
C ALA A 81 -3.71 1.00 11.74
N ASN A 82 -3.07 1.99 12.36
CA ASN A 82 -1.64 2.25 12.16
C ASN A 82 -0.72 1.68 13.24
N ASN A 83 -1.25 0.84 14.12
CA ASN A 83 -0.45 0.16 15.13
C ASN A 83 0.79 -0.46 14.48
N GLY A 84 1.98 -0.08 14.94
CA GLY A 84 3.23 -0.66 14.48
C GLY A 84 3.94 0.15 13.41
N LEU A 85 3.25 1.10 12.79
CA LEU A 85 3.87 1.87 11.72
C LEU A 85 4.86 2.92 12.23
N ASP A 86 4.83 3.19 13.53
CA ASP A 86 5.87 4.01 14.12
C ASP A 86 7.26 3.41 13.92
N ILE A 87 7.35 2.09 13.91
CA ILE A 87 8.60 1.39 13.63
C ILE A 87 9.07 1.71 12.22
N ALA A 88 8.15 1.67 11.26
CA ALA A 88 8.53 1.98 9.88
C ALA A 88 9.02 3.40 9.72
N VAL A 89 8.34 4.36 10.34
CA VAL A 89 8.76 5.75 10.27
C VAL A 89 10.15 5.95 10.86
N ARG A 90 10.39 5.32 12.01
CA ARG A 90 11.71 5.39 12.65
C ARG A 90 12.81 4.80 11.78
N LEU A 91 12.54 3.63 11.20
CA LEU A 91 13.50 2.96 10.35
C LEU A 91 13.90 3.83 9.18
N LEU A 92 12.96 4.57 8.61
CA LEU A 92 13.26 5.40 7.44
C LEU A 92 13.88 6.76 7.76
N GLU A 93 13.79 7.22 9.00
CA GLU A 93 14.19 8.59 9.24
C GLU A 93 15.67 8.88 8.94
N PRO A 94 16.61 8.00 9.29
CA PRO A 94 18.02 8.27 8.94
C PRO A 94 18.25 8.38 7.44
N LEU A 95 17.55 7.53 6.67
CA LEU A 95 17.69 7.57 5.22
C LEU A 95 17.07 8.84 4.64
N LYS A 96 15.88 9.19 5.13
CA LYS A 96 15.22 10.42 4.69
C LYS A 96 16.12 11.61 4.89
N ALA A 97 16.86 11.61 6.00
CA ALA A 97 17.75 12.72 6.30
C ALA A 97 18.91 12.90 5.32
N GLU A 98 19.23 11.84 4.57
CA GLU A 98 20.21 11.94 3.48
C GLU A 98 19.63 12.62 2.23
N PHE A 99 18.32 12.79 2.17
CA PHE A 99 17.63 13.37 1.00
C PHE A 99 16.73 14.51 1.47
N PRO A 100 17.33 15.56 2.03
CA PRO A 100 16.53 16.67 2.56
C PRO A 100 15.64 17.34 1.51
N ILE A 101 16.03 17.30 0.23
CA ILE A 101 15.24 17.97 -0.80
C ILE A 101 13.89 17.28 -1.06
N LEU A 102 13.78 15.99 -0.76
CA LEU A 102 12.57 15.25 -1.04
C LEU A 102 11.47 15.52 -0.03
N SER A 103 10.24 15.60 -0.49
CA SER A 103 9.12 15.57 0.44
C SER A 103 9.01 14.22 1.11
N TYR A 104 8.52 14.20 2.34
CA TYR A 104 8.22 12.94 3.01
C TYR A 104 7.23 12.14 2.18
N ALA A 105 6.25 12.83 1.60
CA ALA A 105 5.24 12.18 0.78
C ALA A 105 5.85 11.38 -0.37
N ASP A 106 6.73 12.02 -1.13
CA ASP A 106 7.43 11.32 -2.19
C ASP A 106 8.28 10.18 -1.64
N PHE A 107 8.96 10.41 -0.53
CA PHE A 107 9.86 9.41 0.01
C PHE A 107 9.11 8.16 0.44
N TYR A 108 8.00 8.34 1.15
CA TYR A 108 7.23 7.19 1.62
C TYR A 108 6.57 6.45 0.46
N GLN A 109 6.03 7.18 -0.50
CA GLN A 109 5.43 6.50 -1.65
C GLN A 109 6.51 5.76 -2.47
N LEU A 110 7.70 6.36 -2.58
CA LEU A 110 8.81 5.66 -3.26
C LEU A 110 9.18 4.39 -2.49
N ALA A 111 9.19 4.46 -1.17
CA ALA A 111 9.49 3.28 -0.35
C ALA A 111 8.47 2.18 -0.61
N GLY A 112 7.21 2.54 -0.79
CA GLY A 112 6.19 1.54 -1.11
C GLY A 112 6.37 0.89 -2.47
N VAL A 113 6.74 1.68 -3.45
CA VAL A 113 7.04 1.18 -4.80
C VAL A 113 8.26 0.25 -4.73
N VAL A 114 9.28 0.65 -3.99
CA VAL A 114 10.49 -0.16 -3.85
C VAL A 114 10.19 -1.49 -3.12
N ALA A 115 9.36 -1.44 -2.09
CA ALA A 115 8.99 -2.63 -1.33
C ALA A 115 8.41 -3.71 -2.27
N VAL A 116 7.55 -3.28 -3.19
CA VAL A 116 6.95 -4.18 -4.15
C VAL A 116 8.04 -4.72 -5.12
N GLU A 117 8.90 -3.84 -5.59
CA GLU A 117 9.95 -4.26 -6.54
C GLU A 117 10.94 -5.25 -5.96
N VAL A 118 11.46 -4.96 -4.77
CA VAL A 118 12.54 -5.78 -4.22
C VAL A 118 12.07 -7.15 -3.75
N THR A 119 10.77 -7.31 -3.55
CA THR A 119 10.21 -8.63 -3.27
C THR A 119 9.81 -9.41 -4.53
N GLY A 120 10.06 -8.84 -5.71
CA GLY A 120 9.80 -9.51 -6.98
C GLY A 120 8.51 -9.16 -7.69
N GLY A 121 7.84 -8.10 -7.23
CA GLY A 121 6.60 -7.66 -7.82
C GLY A 121 6.79 -6.78 -9.03
N PRO A 122 5.68 -6.25 -9.53
CA PRO A 122 5.76 -5.38 -10.71
C PRO A 122 6.47 -4.08 -10.40
N GLU A 123 6.94 -3.43 -11.46
CA GLU A 123 7.57 -2.12 -11.39
C GLU A 123 6.47 -1.07 -11.50
N VAL A 124 6.09 -0.48 -10.37
CA VAL A 124 5.02 0.50 -10.30
C VAL A 124 5.54 1.86 -10.74
N PRO A 125 4.97 2.48 -11.77
CA PRO A 125 5.49 3.80 -12.16
C PRO A 125 5.44 4.79 -11.01
N PHE A 126 6.44 5.66 -10.96
CA PHE A 126 6.54 6.68 -9.93
C PHE A 126 6.80 8.06 -10.54
N HIS A 127 6.02 9.04 -10.10
CA HIS A 127 6.19 10.42 -10.47
C HIS A 127 6.35 11.27 -9.23
N PRO A 128 7.39 12.11 -9.19
CA PRO A 128 7.63 12.95 -8.02
C PRO A 128 6.80 14.23 -8.01
N GLY A 129 6.82 14.89 -6.86
CA GLY A 129 6.23 16.21 -6.72
C GLY A 129 5.12 16.39 -5.68
N ARG A 130 4.84 15.37 -4.88
CA ARG A 130 3.85 15.51 -3.82
C ARG A 130 4.38 16.50 -2.81
N GLU A 131 3.49 17.38 -2.36
CA GLU A 131 3.84 18.36 -1.34
C GLU A 131 3.29 17.88 -0.02
N ASP A 132 4.11 17.93 1.02
CA ASP A 132 3.70 17.53 2.35
C ASP A 132 2.61 18.46 2.87
N LYS A 133 1.54 17.88 3.41
CA LYS A 133 0.41 18.65 3.99
C LYS A 133 0.57 18.75 5.50
N PRO A 134 0.06 19.83 6.09
CA PRO A 134 0.28 20.10 7.51
C PRO A 134 -0.53 19.26 8.51
N GLU A 135 -1.71 18.82 8.12
CA GLU A 135 -2.66 18.22 9.04
C GLU A 135 -3.05 16.80 8.61
N PRO A 136 -2.89 15.81 9.51
CA PRO A 136 -3.43 14.47 9.27
C PRO A 136 -4.95 14.48 9.09
N PRO A 137 -5.48 13.53 8.33
CA PRO A 137 -6.93 13.36 8.22
C PRO A 137 -7.50 12.73 9.47
N PRO A 138 -8.81 12.74 9.64
CA PRO A 138 -9.42 12.07 10.79
C PRO A 138 -9.22 10.55 10.79
N GLU A 139 -9.20 9.95 11.96
CA GLU A 139 -9.11 8.51 12.12
C GLU A 139 -10.37 7.84 11.57
N GLY A 140 -10.22 6.64 11.04
CA GLY A 140 -11.34 5.78 10.72
C GLY A 140 -11.59 5.50 9.25
N ARG A 141 -10.71 6.00 8.36
CA ARG A 141 -10.93 5.82 6.94
C ARG A 141 -10.35 4.51 6.39
N LEU A 142 -9.39 3.91 7.09
CA LEU A 142 -8.78 2.67 6.60
C LEU A 142 -9.73 1.53 6.86
N PRO A 143 -9.68 0.49 6.02
CA PRO A 143 -10.66 -0.60 6.09
C PRO A 143 -10.52 -1.50 7.30
N ASP A 144 -11.67 -2.01 7.74
CA ASP A 144 -11.87 -2.80 8.93
C ASP A 144 -11.85 -4.26 8.48
N ALA A 145 -10.93 -5.02 9.07
CA ALA A 145 -10.70 -6.39 8.67
C ALA A 145 -11.87 -7.35 8.94
N THR A 146 -12.79 -6.93 9.81
CA THR A 146 -13.92 -7.80 10.15
C THR A 146 -15.13 -7.59 9.27
N LYS A 147 -15.07 -6.62 8.36
CA LYS A 147 -16.23 -6.27 7.52
C LYS A 147 -16.06 -6.90 6.13
N GLY A 148 -17.01 -6.62 5.24
CA GLY A 148 -17.14 -7.31 3.99
C GLY A 148 -17.18 -6.39 2.80
N SER A 149 -17.81 -6.87 1.73
CA SER A 149 -17.74 -6.20 0.44
C SER A 149 -18.38 -4.84 0.41
N ASP A 150 -19.51 -4.64 1.12
CA ASP A 150 -20.11 -3.31 1.17
C ASP A 150 -19.14 -2.29 1.79
N HIS A 151 -18.45 -2.70 2.85
CA HIS A 151 -17.48 -1.83 3.49
C HIS A 151 -16.30 -1.54 2.58
N LEU A 152 -15.79 -2.56 1.91
CA LEU A 152 -14.68 -2.35 0.98
C LEU A 152 -15.05 -1.33 -0.08
N ARG A 153 -16.27 -1.40 -0.62
CA ARG A 153 -16.68 -0.45 -1.64
C ARG A 153 -16.87 0.95 -1.02
N ASP A 154 -17.34 1.03 0.22
CA ASP A 154 -17.41 2.34 0.89
C ASP A 154 -16.04 3.03 0.99
N VAL A 155 -15.01 2.25 1.34
CA VAL A 155 -13.68 2.80 1.64
C VAL A 155 -12.89 3.05 0.36
N PHE A 156 -12.75 2.03 -0.47
CA PHE A 156 -11.97 2.14 -1.71
C PHE A 156 -12.70 2.90 -2.80
N GLY A 157 -14.02 2.75 -2.84
CA GLY A 157 -14.84 3.35 -3.87
C GLY A 157 -15.37 4.72 -3.50
N LYS A 158 -16.25 4.78 -2.49
CA LYS A 158 -16.91 6.04 -2.16
C LYS A 158 -15.94 7.09 -1.63
N ALA A 159 -14.93 6.66 -0.86
CA ALA A 159 -13.91 7.58 -0.35
C ALA A 159 -12.72 7.73 -1.32
N MET A 160 -11.97 6.66 -1.57
CA MET A 160 -10.75 6.83 -2.38
C MET A 160 -11.01 7.08 -3.85
N GLY A 161 -12.12 6.56 -4.37
CA GLY A 161 -12.45 6.69 -5.78
C GLY A 161 -11.81 5.66 -6.69
N LEU A 162 -11.43 4.52 -6.11
CA LEU A 162 -10.84 3.42 -6.85
C LEU A 162 -11.92 2.43 -7.33
N THR A 163 -11.56 1.56 -8.26
CA THR A 163 -12.54 0.65 -8.87
C THR A 163 -12.60 -0.70 -8.15
N ASP A 164 -13.60 -1.51 -8.47
CA ASP A 164 -13.68 -2.86 -7.92
C ASP A 164 -12.47 -3.72 -8.31
N GLN A 165 -11.97 -3.55 -9.52
CA GLN A 165 -10.74 -4.20 -9.93
C GLN A 165 -9.58 -3.80 -9.02
N ASP A 166 -9.47 -2.52 -8.74
CA ASP A 166 -8.41 -2.02 -7.86
C ASP A 166 -8.51 -2.63 -6.46
N ILE A 167 -9.73 -2.80 -5.95
CA ILE A 167 -9.92 -3.42 -4.62
C ILE A 167 -9.30 -4.81 -4.57
N VAL A 168 -9.59 -5.64 -5.56
CA VAL A 168 -9.12 -7.01 -5.53
C VAL A 168 -7.61 -7.03 -5.76
N ALA A 169 -7.13 -6.27 -6.74
CA ALA A 169 -5.68 -6.25 -6.99
C ALA A 169 -4.91 -5.77 -5.77
N LEU A 170 -5.37 -4.69 -5.16
CA LEU A 170 -4.67 -4.14 -3.99
C LEU A 170 -4.75 -5.07 -2.77
N SER A 171 -5.82 -5.84 -2.63
CA SER A 171 -5.90 -6.83 -1.56
C SER A 171 -4.74 -7.84 -1.65
N GLY A 172 -4.28 -8.08 -2.89
CA GLY A 172 -3.10 -8.88 -3.14
C GLY A 172 -1.79 -8.34 -2.58
N GLY A 173 -1.79 -7.13 -2.03
CA GLY A 173 -0.64 -6.66 -1.24
C GLY A 173 -0.37 -7.56 -0.03
N HIS A 174 -1.40 -8.34 0.44
CA HIS A 174 -1.22 -9.28 1.53
C HIS A 174 -0.42 -10.51 1.07
N THR A 175 -0.03 -10.56 -0.19
CA THR A 175 0.85 -11.61 -0.67
C THR A 175 2.25 -11.49 -0.07
N ILE A 176 2.58 -10.34 0.51
CA ILE A 176 3.76 -10.21 1.37
C ILE A 176 3.33 -9.80 2.78
N GLY A 177 4.07 -10.27 3.76
CA GLY A 177 3.87 -9.87 5.14
C GLY A 177 2.93 -10.74 5.94
N ALA A 178 2.57 -10.17 7.08
CA ALA A 178 1.87 -10.91 8.13
C ALA A 178 1.16 -9.97 9.06
N ALA A 179 0.16 -10.52 9.76
CA ALA A 179 -0.45 -9.83 10.88
C ALA A 179 0.23 -10.20 12.18
N HIS A 180 0.04 -9.36 13.18
CA HIS A 180 0.64 -9.52 14.51
C HIS A 180 -0.41 -9.33 15.59
N LYS A 181 -0.49 -10.28 16.51
CA LYS A 181 -1.52 -10.23 17.55
C LYS A 181 -1.41 -8.96 18.42
N GLU A 182 -0.21 -8.38 18.53
CA GLU A 182 -0.01 -7.15 19.28
C GLU A 182 -0.35 -5.86 18.52
N ARG A 183 -0.54 -5.98 17.21
CA ARG A 183 -0.86 -4.84 16.36
C ARG A 183 -2.37 -4.90 16.07
N SER A 184 -2.80 -5.63 15.04
CA SER A 184 -4.24 -5.73 14.75
C SER A 184 -4.91 -6.72 15.71
N GLY A 185 -4.19 -7.76 16.12
CA GLY A 185 -4.81 -8.88 16.83
C GLY A 185 -4.85 -10.15 16.01
N PHE A 186 -4.96 -10.01 14.68
CA PHE A 186 -4.78 -11.15 13.80
C PHE A 186 -3.30 -11.57 13.80
N GLU A 187 -3.01 -12.77 13.33
CA GLU A 187 -1.68 -13.32 13.51
C GLU A 187 -1.28 -14.25 12.39
N GLY A 188 -0.13 -13.94 11.78
CA GLY A 188 0.54 -14.82 10.84
C GLY A 188 0.48 -14.31 9.41
N PRO A 189 1.23 -14.99 8.54
CA PRO A 189 1.33 -14.62 7.14
C PRO A 189 0.17 -15.15 6.30
N TRP A 190 -0.17 -14.45 5.23
CA TRP A 190 -1.14 -14.96 4.25
C TRP A 190 -0.53 -16.03 3.34
N THR A 191 0.78 -15.99 3.15
CA THR A 191 1.44 -16.89 2.21
C THR A 191 2.59 -17.64 2.85
N SER A 192 3.02 -18.70 2.18
CA SER A 192 4.15 -19.51 2.61
C SER A 192 5.49 -18.82 2.35
N ASN A 193 5.49 -17.73 1.58
CA ASN A 193 6.70 -16.99 1.29
C ASN A 193 6.42 -15.49 1.46
N PRO A 194 6.35 -15.04 2.71
CA PRO A 194 5.90 -13.67 3.00
C PRO A 194 6.84 -12.54 2.54
N LEU A 195 8.04 -12.86 2.05
CA LEU A 195 8.89 -11.84 1.45
C LEU A 195 8.98 -11.95 -0.05
N ILE A 196 8.09 -12.76 -0.64
CA ILE A 196 8.01 -12.92 -2.08
C ILE A 196 6.66 -12.41 -2.58
N PHE A 197 6.70 -11.46 -3.50
CA PHE A 197 5.52 -10.88 -4.10
C PHE A 197 5.14 -11.71 -5.35
N ASP A 198 4.08 -12.49 -5.23
CA ASP A 198 3.54 -13.22 -6.36
C ASP A 198 2.03 -13.36 -6.18
N ASN A 199 1.37 -14.21 -6.97
CA ASN A 199 -0.08 -14.32 -6.88
C ASN A 199 -0.57 -15.31 -5.82
N SER A 200 0.31 -15.74 -4.93
CA SER A 200 -0.04 -16.79 -3.97
C SER A 200 -1.15 -16.38 -3.02
N TYR A 201 -1.31 -15.09 -2.73
CA TYR A 201 -2.42 -14.66 -1.87
C TYR A 201 -3.73 -15.22 -2.40
N PHE A 202 -3.92 -15.16 -3.71
CA PHE A 202 -5.18 -15.59 -4.33
C PHE A 202 -5.30 -17.11 -4.35
N THR A 203 -4.19 -17.79 -4.60
CA THR A 203 -4.14 -19.25 -4.56
C THR A 203 -4.54 -19.75 -3.18
N GLU A 204 -3.95 -19.14 -2.14
CA GLU A 204 -4.22 -19.54 -0.76
C GLU A 204 -5.65 -19.20 -0.36
N LEU A 205 -6.17 -18.05 -0.80
CA LEU A 205 -7.54 -17.66 -0.47
C LEU A 205 -8.51 -18.71 -1.02
N LEU A 206 -8.28 -19.13 -2.26
CA LEU A 206 -9.10 -20.13 -2.96
C LEU A 206 -8.98 -21.57 -2.45
N SER A 207 -7.85 -21.93 -1.86
CA SER A 207 -7.68 -23.31 -1.41
C SER A 207 -8.29 -23.52 -0.03
N GLY A 208 -8.70 -22.43 0.61
CA GLY A 208 -9.28 -22.50 1.94
C GLY A 208 -8.22 -22.31 3.01
N GLU A 209 -8.60 -22.57 4.25
CA GLU A 209 -7.70 -22.36 5.37
C GLU A 209 -6.64 -23.47 5.39
N LYS A 210 -5.40 -23.06 5.56
CA LYS A 210 -4.27 -23.96 5.70
C LYS A 210 -3.63 -23.59 7.03
N GLU A 211 -3.14 -24.56 7.77
CA GLU A 211 -2.59 -24.23 9.07
C GLU A 211 -1.32 -23.40 8.89
N GLY A 212 -1.14 -22.42 9.77
CA GLY A 212 -0.01 -21.51 9.72
C GLY A 212 -0.23 -20.31 8.81
N LEU A 213 -1.33 -20.29 8.03
CA LEU A 213 -1.65 -19.16 7.14
C LEU A 213 -2.92 -18.45 7.61
N LEU A 214 -3.00 -17.17 7.27
CA LEU A 214 -4.04 -16.26 7.72
C LEU A 214 -5.00 -15.90 6.60
N GLN A 215 -6.30 -15.87 6.91
CA GLN A 215 -7.32 -15.22 6.08
C GLN A 215 -8.17 -14.31 6.97
N LEU A 216 -8.26 -13.03 6.64
CA LEU A 216 -9.14 -12.09 7.32
C LEU A 216 -10.56 -12.23 6.76
N PRO A 217 -11.58 -11.86 7.53
CA PRO A 217 -12.93 -11.77 6.96
C PRO A 217 -12.99 -10.89 5.70
N SER A 218 -12.20 -9.82 5.69
CA SER A 218 -12.16 -8.92 4.54
C SER A 218 -11.56 -9.61 3.31
N ASP A 219 -10.61 -10.54 3.49
CA ASP A 219 -10.09 -11.32 2.37
C ASP A 219 -11.16 -12.27 1.84
N LYS A 220 -11.84 -12.95 2.76
CA LYS A 220 -12.86 -13.94 2.38
C LYS A 220 -14.06 -13.31 1.68
N ALA A 221 -14.31 -12.03 1.96
CA ALA A 221 -15.40 -11.28 1.30
C ALA A 221 -15.23 -11.26 -0.22
N LEU A 222 -13.99 -11.30 -0.68
CA LEU A 222 -13.72 -11.31 -2.12
C LEU A 222 -14.22 -12.56 -2.81
N LEU A 223 -14.32 -13.66 -2.08
CA LEU A 223 -14.68 -14.95 -2.68
C LEU A 223 -16.16 -15.08 -3.02
N SER A 224 -17.00 -14.35 -2.30
CA SER A 224 -18.45 -14.51 -2.43
C SER A 224 -19.11 -13.37 -3.20
N ASP A 225 -18.35 -12.33 -3.56
CA ASP A 225 -18.89 -11.20 -4.28
C ASP A 225 -18.88 -11.47 -5.79
N PRO A 226 -19.99 -11.20 -6.47
CA PRO A 226 -20.08 -11.45 -7.92
C PRO A 226 -19.09 -10.73 -8.82
N VAL A 227 -18.65 -9.53 -8.44
CA VAL A 227 -17.63 -8.81 -9.19
C VAL A 227 -16.21 -9.17 -8.71
N PHE A 228 -16.01 -9.35 -7.40
CA PHE A 228 -14.64 -9.60 -6.92
C PHE A 228 -14.18 -11.02 -7.26
N ARG A 229 -15.07 -12.00 -7.19
CA ARG A 229 -14.66 -13.39 -7.35
C ARG A 229 -14.03 -13.69 -8.73
N PRO A 230 -14.64 -13.25 -9.84
CA PRO A 230 -13.98 -13.47 -11.13
C PRO A 230 -12.57 -12.88 -11.18
N LEU A 231 -12.32 -11.79 -10.45
CA LEU A 231 -10.99 -11.19 -10.40
C LEU A 231 -10.02 -12.05 -9.57
N VAL A 232 -10.48 -12.58 -8.44
CA VAL A 232 -9.68 -13.51 -7.66
C VAL A 232 -9.27 -14.71 -8.51
N ASP A 233 -10.24 -15.27 -9.23
CA ASP A 233 -9.99 -16.42 -10.09
C ASP A 233 -8.97 -16.08 -11.17
N LYS A 234 -9.15 -14.92 -11.81
CA LYS A 234 -8.24 -14.46 -12.86
C LYS A 234 -6.80 -14.36 -12.34
N TYR A 235 -6.65 -13.75 -11.18
CA TYR A 235 -5.32 -13.53 -10.63
C TYR A 235 -4.66 -14.82 -10.16
N ALA A 236 -5.46 -15.75 -9.64
CA ALA A 236 -4.94 -17.06 -9.24
C ALA A 236 -4.44 -17.86 -10.44
N ALA A 237 -5.08 -17.66 -11.59
CA ALA A 237 -4.76 -18.39 -12.82
C ALA A 237 -3.68 -17.70 -13.64
N ASP A 238 -3.52 -16.39 -13.44
CA ASP A 238 -2.72 -15.59 -14.35
C ASP A 238 -1.99 -14.50 -13.56
N GLU A 239 -0.79 -14.83 -13.12
CA GLU A 239 0.02 -13.89 -12.33
C GLU A 239 0.36 -12.63 -13.13
N ASP A 240 0.56 -12.75 -14.44
CA ASP A 240 0.86 -11.58 -15.25
C ASP A 240 -0.28 -10.59 -15.21
N ALA A 241 -1.52 -11.11 -15.26
CA ALA A 241 -2.68 -10.26 -15.19
C ALA A 241 -2.76 -9.58 -13.83
N PHE A 242 -2.45 -10.33 -12.77
CA PHE A 242 -2.41 -9.75 -11.43
C PHE A 242 -1.38 -8.62 -11.37
N PHE A 243 -0.17 -8.90 -11.87
CA PHE A 243 0.90 -7.89 -11.82
C PHE A 243 0.50 -6.62 -12.58
N ALA A 244 -0.14 -6.74 -13.74
CA ALA A 244 -0.57 -5.57 -14.49
C ALA A 244 -1.60 -4.75 -13.71
N ASP A 245 -2.62 -5.42 -13.20
CA ASP A 245 -3.69 -4.72 -12.50
C ASP A 245 -3.18 -4.18 -11.16
N TYR A 246 -2.30 -4.91 -10.50
CA TYR A 246 -1.68 -4.43 -9.26
C TYR A 246 -0.89 -3.13 -9.50
N ALA A 247 -0.06 -3.13 -10.53
CA ALA A 247 0.76 -1.94 -10.80
C ALA A 247 -0.14 -0.74 -11.10
N GLU A 248 -1.21 -0.95 -11.86
CA GLU A 248 -2.18 0.10 -12.16
C GLU A 248 -2.83 0.63 -10.86
N ALA A 249 -3.26 -0.28 -10.00
CA ALA A 249 -3.96 0.12 -8.78
C ALA A 249 -3.02 0.82 -7.80
N HIS A 250 -1.81 0.28 -7.63
CA HIS A 250 -0.86 0.88 -6.69
C HIS A 250 -0.46 2.26 -7.19
N GLN A 251 -0.22 2.43 -8.49
CA GLN A 251 0.07 3.77 -8.99
C GLN A 251 -1.07 4.72 -8.65
N LYS A 252 -2.30 4.34 -8.96
CA LYS A 252 -3.44 5.19 -8.66
C LYS A 252 -3.53 5.53 -7.18
N LEU A 253 -3.39 4.52 -6.33
CA LEU A 253 -3.43 4.71 -4.88
C LEU A 253 -2.38 5.73 -4.44
N SER A 254 -1.16 5.55 -4.93
CA SER A 254 -0.04 6.40 -4.56
C SER A 254 -0.16 7.84 -5.03
N GLU A 255 -1.08 8.09 -5.95
CA GLU A 255 -1.29 9.40 -6.56
C GLU A 255 -2.67 10.00 -6.24
N LEU A 256 -3.42 9.41 -5.29
CA LEU A 256 -4.73 9.97 -4.95
C LEU A 256 -4.61 11.42 -4.50
N GLY A 257 -5.42 12.29 -5.08
CA GLY A 257 -5.39 13.70 -4.77
C GLY A 257 -4.19 14.47 -5.30
N PHE A 258 -3.31 13.78 -6.03
CA PHE A 258 -2.04 14.35 -6.50
C PHE A 258 -2.08 14.49 -7.99
N ALA A 259 -1.66 15.65 -8.49
CA ALA A 259 -1.50 15.90 -9.91
C ALA A 259 -2.82 15.78 -10.66
N ASP A 260 -3.91 16.16 -10.01
CA ASP A 260 -5.20 16.23 -10.66
C ASP A 260 -5.33 17.62 -11.25
#